data_5M04
#
_entry.id   5M04
#
_cell.length_a   64.590
_cell.length_b   83.000
_cell.length_c   177.460
_cell.angle_alpha   90.00
_cell.angle_beta   90.00
_cell.angle_gamma   90.00
#
_symmetry.space_group_name_H-M   'C 2 2 21'
#
loop_
_entity.id
_entity.type
_entity.pdbx_description
1 polymer 'GTPase ObgE/CgtA'
2 non-polymer "GUANOSINE-5'-DIPHOSPHATE"
3 non-polymer 'MAGNESIUM ION'
4 water water
#
_entity_poly.entity_id   1
_entity_poly.type   'polypeptide(L)'
_entity_poly.pdbx_seq_one_letter_code
;MGSSHHHHHHSSGLVPRGSHMKFVDEASILVVAGDGGNGCVSFRREKYIPKGGPDGGDGGDGGDVWMEADENLNTLIDYR
FEKSFRAERGQNGASRDCTGKRGKDVTIKVPVGTRVIDQGTGETMGDMTKHGQRLLVAKGGWHGLGNTRFKSSVNRTPRQ
KTNGTPGDKRELLLELMLLADVGMLGMPNAGKSTFIRAVSAAKPKVADYPFTTLVPSLGVVRMDNEKSFVVADIPGLIEG
AAEGAGLGIRFLKHLERCRVLLHLIDIDPIDGTDPVENARIIISELEKYSQDLATKPRWLVFNKIDLLDKVEAEEKAKAI
AEALGWEDKYYLISAASGLGVKDLCWDVMTFIIENPVVQA
;
_entity_poly.pdbx_strand_id   A
#
loop_
_chem_comp.id
_chem_comp.type
_chem_comp.name
_chem_comp.formula
GDP RNA linking GUANOSINE-5'-DIPHOSPHATE 'C10 H15 N5 O11 P2'
MG non-polymer 'MAGNESIUM ION' 'Mg 2'
#
# COMPACT_ATOMS: atom_id res chain seq x y z
N GLY A 18 -18.76 -20.70 10.27
CA GLY A 18 -17.77 -20.04 11.19
C GLY A 18 -17.28 -18.68 10.70
N SER A 19 -16.06 -18.29 11.13
CA SER A 19 -15.51 -16.94 10.87
C SER A 19 -14.83 -16.80 9.52
N HIS A 20 -15.34 -15.88 8.68
CA HIS A 20 -14.75 -15.62 7.38
C HIS A 20 -14.45 -14.13 7.06
N MET A 21 -14.82 -13.18 7.94
CA MET A 21 -14.56 -11.74 7.73
C MET A 21 -13.13 -11.50 7.24
N LYS A 22 -12.99 -10.72 6.17
CA LYS A 22 -11.69 -10.29 5.59
C LYS A 22 -11.76 -8.80 5.36
N PHE A 23 -10.61 -8.16 5.43
CA PHE A 23 -10.51 -6.74 5.07
C PHE A 23 -9.73 -6.61 3.78
N VAL A 24 -10.36 -5.98 2.80
CA VAL A 24 -9.82 -5.90 1.45
C VAL A 24 -9.51 -4.43 1.07
N ASP A 25 -8.26 -4.18 0.72
CA ASP A 25 -7.83 -2.89 0.18
C ASP A 25 -8.08 -2.96 -1.33
N GLU A 26 -8.68 -1.91 -1.90
CA GLU A 26 -8.96 -1.84 -3.35
C GLU A 26 -8.51 -0.52 -3.96
N ALA A 27 -8.03 -0.58 -5.21
CA ALA A 27 -7.75 0.61 -5.97
C ALA A 27 -8.04 0.30 -7.48
N SER A 28 -8.50 1.33 -8.18
CA SER A 28 -8.72 1.31 -9.64
C SER A 28 -7.81 2.28 -10.27
N ILE A 29 -7.02 1.82 -11.25
CA ILE A 29 -6.06 2.68 -11.90
C ILE A 29 -6.13 2.47 -13.41
N LEU A 30 -5.57 3.43 -14.12
CA LEU A 30 -5.49 3.38 -15.58
C LEU A 30 -4.03 3.21 -16.00
N VAL A 31 -3.78 2.23 -16.85
CA VAL A 31 -2.46 2.01 -17.39
C VAL A 31 -2.51 2.16 -18.94
N VAL A 32 -1.55 2.88 -19.49
CA VAL A 32 -1.52 3.18 -20.92
C VAL A 32 -0.10 2.99 -21.40
N ALA A 33 0.10 1.97 -22.24
CA ALA A 33 1.42 1.75 -22.83
C ALA A 33 1.65 2.76 -23.94
N GLY A 34 2.91 2.87 -24.35
CA GLY A 34 3.26 3.83 -25.39
C GLY A 34 2.85 3.31 -26.76
N ASP A 35 2.57 4.22 -27.69
CA ASP A 35 2.35 3.83 -29.10
C ASP A 35 3.70 3.52 -29.76
N GLY A 36 3.68 2.67 -30.77
CA GLY A 36 4.84 2.47 -31.66
C GLY A 36 5.22 3.77 -32.35
N GLY A 37 6.51 3.96 -32.62
CA GLY A 37 6.97 5.06 -33.47
C GLY A 37 6.69 4.70 -34.91
N ASN A 38 6.64 5.70 -35.76
CA ASN A 38 6.29 5.49 -37.16
C ASN A 38 7.49 5.16 -38.04
N GLY A 39 7.23 4.48 -39.14
CA GLY A 39 8.24 4.23 -40.15
C GLY A 39 8.52 5.52 -40.91
N CYS A 40 9.67 5.53 -41.56
CA CYS A 40 10.17 6.65 -42.31
C CYS A 40 10.30 6.32 -43.81
N VAL A 41 10.00 7.29 -44.67
CA VAL A 41 10.32 7.20 -46.13
C VAL A 41 11.56 8.03 -46.49
N SER A 42 12.64 7.36 -46.89
CA SER A 42 13.84 8.04 -47.38
C SER A 42 14.61 7.23 -48.42
N PHE A 43 15.45 7.94 -49.20
CA PHE A 43 16.38 7.31 -50.16
C PHE A 43 17.80 7.88 -50.08
N ARG A 44 18.82 7.02 -50.20
CA ARG A 44 20.23 7.46 -50.42
C ARG A 44 20.36 7.99 -51.87
N ARG A 45 20.51 9.30 -52.02
CA ARG A 45 20.77 9.95 -53.30
C ARG A 45 22.19 10.55 -53.21
N GLU A 46 23.22 9.72 -53.39
CA GLU A 46 24.62 10.20 -53.34
C GLU A 46 25.26 10.19 -54.75
N LYS A 47 26.12 11.16 -55.01
CA LYS A 47 26.58 11.50 -56.40
C LYS A 47 27.30 10.38 -57.23
N TYR A 48 28.23 9.65 -56.60
CA TYR A 48 28.96 8.53 -57.27
C TYR A 48 28.62 7.14 -56.69
N ILE A 49 27.70 7.09 -55.73
CA ILE A 49 27.18 5.87 -55.15
C ILE A 49 25.89 5.65 -55.97
N PRO A 50 25.92 4.74 -56.97
CA PRO A 50 25.08 4.83 -58.21
C PRO A 50 23.53 4.75 -58.13
N LYS A 51 22.97 3.94 -57.22
CA LYS A 51 21.51 3.60 -57.25
C LYS A 51 20.57 4.58 -56.52
N GLY A 52 19.26 4.33 -56.64
CA GLY A 52 18.20 5.04 -55.92
C GLY A 52 18.19 4.70 -54.44
N GLY A 53 18.05 3.41 -54.11
CA GLY A 53 18.30 2.89 -52.75
C GLY A 53 17.33 3.36 -51.67
N PRO A 54 16.33 2.53 -51.29
CA PRO A 54 15.48 2.93 -50.16
C PRO A 54 16.26 2.88 -48.83
N ASP A 55 16.11 3.89 -47.98
CA ASP A 55 16.85 3.92 -46.69
C ASP A 55 16.11 4.46 -45.42
N GLY A 56 14.77 4.50 -45.46
CA GLY A 56 13.95 4.91 -44.30
C GLY A 56 13.94 3.82 -43.22
N GLY A 57 14.19 4.23 -41.98
CA GLY A 57 14.25 3.28 -40.87
C GLY A 57 12.86 3.00 -40.30
N ASP A 58 12.78 1.86 -39.61
CA ASP A 58 11.61 1.50 -38.80
C ASP A 58 11.50 2.41 -37.58
N GLY A 59 10.29 2.63 -37.09
CA GLY A 59 10.08 3.19 -35.77
C GLY A 59 10.61 2.30 -34.65
N GLY A 60 10.56 2.84 -33.44
CA GLY A 60 10.75 2.07 -32.22
C GLY A 60 9.41 1.58 -31.65
N ASP A 61 9.45 0.42 -30.97
CA ASP A 61 8.28 -0.11 -30.25
C ASP A 61 7.92 0.83 -29.11
N GLY A 62 6.65 0.82 -28.69
CA GLY A 62 6.25 1.64 -27.57
C GLY A 62 6.65 1.03 -26.23
N GLY A 63 6.72 1.84 -25.19
CA GLY A 63 7.06 1.34 -23.85
C GLY A 63 5.88 0.59 -23.22
N ASP A 64 6.22 -0.38 -22.37
CA ASP A 64 5.28 -1.26 -21.70
C ASP A 64 4.95 -0.72 -20.29
N VAL A 65 3.85 -1.20 -19.73
CA VAL A 65 3.53 -0.97 -18.30
C VAL A 65 3.55 -2.32 -17.60
N TRP A 66 4.36 -2.38 -16.53
CA TRP A 66 4.56 -3.57 -15.73
C TRP A 66 4.13 -3.27 -14.30
N MET A 67 3.52 -4.25 -13.64
CA MET A 67 3.38 -4.27 -12.17
C MET A 67 4.47 -5.16 -11.57
N GLU A 68 5.04 -4.76 -10.44
CA GLU A 68 6.11 -5.50 -9.76
C GLU A 68 5.81 -5.56 -8.26
N ALA A 69 5.82 -6.76 -7.69
CA ALA A 69 5.56 -6.99 -6.27
C ALA A 69 6.75 -6.48 -5.47
N ASP A 70 6.47 -5.79 -4.36
CA ASP A 70 7.53 -5.20 -3.52
C ASP A 70 7.13 -5.47 -2.08
N GLU A 71 7.94 -6.28 -1.41
CA GLU A 71 7.68 -6.78 -0.04
C GLU A 71 7.73 -5.65 0.99
N ASN A 72 8.37 -4.53 0.66
CA ASN A 72 8.41 -3.35 1.51
C ASN A 72 7.15 -2.49 1.47
N LEU A 73 6.27 -2.68 0.50
CA LEU A 73 4.98 -1.97 0.56
C LEU A 73 3.95 -2.73 1.38
N ASN A 74 3.11 -1.98 2.10
CA ASN A 74 2.12 -2.60 2.98
C ASN A 74 0.70 -2.48 2.52
N THR A 75 0.42 -1.46 1.72
CA THR A 75 -0.95 -1.20 1.28
C THR A 75 -0.99 -0.62 -0.15
N LEU A 76 -2.18 -0.46 -0.68
CA LEU A 76 -2.41 0.11 -2.03
C LEU A 76 -2.82 1.58 -1.93
N ILE A 77 -2.61 2.22 -0.77
CA ILE A 77 -3.11 3.56 -0.50
C ILE A 77 -2.61 4.61 -1.50
N ASP A 78 -1.40 4.47 -2.02
CA ASP A 78 -0.88 5.51 -2.93
C ASP A 78 -1.71 5.56 -4.23
N TYR A 79 -2.34 4.43 -4.59
CA TYR A 79 -3.17 4.33 -5.83
C TYR A 79 -4.58 4.87 -5.65
N ARG A 80 -4.87 5.41 -4.49
CA ARG A 80 -6.12 6.19 -4.38
C ARG A 80 -5.85 7.61 -4.84
N PHE A 81 -4.59 8.01 -4.93
CA PHE A 81 -4.24 9.37 -5.17
C PHE A 81 -3.59 9.52 -6.55
N GLU A 82 -2.61 8.70 -6.90
CA GLU A 82 -2.18 8.66 -8.29
C GLU A 82 -2.76 7.42 -8.96
N LYS A 83 -3.56 7.67 -9.99
CA LYS A 83 -4.46 6.74 -10.54
C LYS A 83 -4.19 6.47 -12.02
N SER A 84 -3.22 7.13 -12.66
CA SER A 84 -3.03 7.07 -14.09
C SER A 84 -1.55 6.98 -14.39
N PHE A 85 -1.20 6.04 -15.22
CA PHE A 85 0.21 5.73 -15.54
C PHE A 85 0.32 5.61 -17.08
N ARG A 86 1.35 6.23 -17.64
CA ARG A 86 1.56 6.34 -19.10
C ARG A 86 3.00 6.07 -19.46
N ALA A 87 3.28 4.96 -20.14
CA ALA A 87 4.62 4.73 -20.71
C ALA A 87 4.85 5.54 -22.02
N GLU A 88 6.09 5.57 -22.48
CA GLU A 88 6.55 6.53 -23.49
C GLU A 88 6.38 5.97 -24.91
N ARG A 89 5.93 6.81 -25.82
CA ARG A 89 5.85 6.49 -27.25
C ARG A 89 7.23 6.17 -27.82
N GLY A 90 7.28 5.18 -28.72
CA GLY A 90 8.50 4.88 -29.48
C GLY A 90 8.88 6.04 -30.40
N GLN A 91 10.15 6.08 -30.77
CA GLN A 91 10.65 7.14 -31.64
C GLN A 91 10.36 6.82 -33.13
N ASN A 92 10.10 7.84 -33.93
CA ASN A 92 10.07 7.65 -35.37
C ASN A 92 11.42 7.21 -35.96
N GLY A 93 11.33 6.51 -37.09
CA GLY A 93 12.48 6.18 -37.91
C GLY A 93 13.06 7.44 -38.55
N ALA A 94 14.33 7.35 -38.96
CA ALA A 94 15.02 8.41 -39.70
C ALA A 94 15.81 7.82 -40.89
N SER A 95 16.52 8.69 -41.61
CA SER A 95 17.39 8.25 -42.72
C SER A 95 18.51 7.33 -42.27
N ARG A 96 19.18 6.75 -43.25
CA ARG A 96 20.31 5.83 -43.06
C ARG A 96 19.86 4.58 -42.34
N ASP A 97 18.61 4.20 -42.58
CA ASP A 97 18.01 3.03 -41.92
C ASP A 97 18.19 3.04 -40.39
N CYS A 98 18.09 4.25 -39.85
CA CYS A 98 18.23 4.53 -38.43
C CYS A 98 16.88 4.23 -37.76
N THR A 99 16.83 3.11 -37.06
CA THR A 99 15.61 2.68 -36.42
C THR A 99 15.39 3.47 -35.11
N GLY A 100 14.17 3.96 -34.92
CA GLY A 100 13.80 4.74 -33.73
C GLY A 100 14.02 4.01 -32.42
N LYS A 101 14.44 4.77 -31.41
CA LYS A 101 14.60 4.29 -30.02
C LYS A 101 13.27 3.78 -29.49
N ARG A 102 13.31 2.63 -28.84
CA ARG A 102 12.20 2.08 -28.09
C ARG A 102 11.72 3.04 -27.01
N GLY A 103 10.41 3.10 -26.79
CA GLY A 103 9.85 3.93 -25.71
C GLY A 103 10.18 3.32 -24.34
N LYS A 104 10.47 4.17 -23.37
CA LYS A 104 10.77 3.75 -21.98
C LYS A 104 9.55 3.13 -21.23
N ASP A 105 9.78 2.01 -20.56
CA ASP A 105 8.78 1.32 -19.70
C ASP A 105 8.37 2.08 -18.43
N VAL A 106 7.28 1.65 -17.82
CA VAL A 106 6.84 2.12 -16.50
C VAL A 106 6.62 0.85 -15.69
N THR A 107 7.19 0.85 -14.48
CA THR A 107 6.94 -0.17 -13.49
C THR A 107 6.16 0.44 -12.29
N ILE A 108 5.07 -0.20 -11.90
CA ILE A 108 4.18 0.23 -10.80
C ILE A 108 4.36 -0.81 -9.73
N LYS A 109 4.75 -0.41 -8.53
CA LYS A 109 5.00 -1.36 -7.42
C LYS A 109 3.82 -1.52 -6.49
N VAL A 110 3.50 -2.75 -6.15
CA VAL A 110 2.39 -3.09 -5.30
C VAL A 110 2.86 -4.10 -4.23
N PRO A 111 2.09 -4.22 -3.15
CA PRO A 111 2.54 -5.16 -2.13
C PRO A 111 2.41 -6.63 -2.64
N VAL A 112 3.25 -7.49 -2.08
CA VAL A 112 3.02 -8.97 -2.18
C VAL A 112 1.63 -9.33 -1.65
N GLY A 113 0.92 -10.17 -2.41
CA GLY A 113 -0.50 -10.48 -2.17
C GLY A 113 -1.46 -9.73 -3.10
N THR A 114 -0.98 -8.74 -3.85
CA THR A 114 -1.89 -7.98 -4.70
C THR A 114 -2.40 -8.84 -5.88
N ARG A 115 -3.72 -8.97 -5.99
CA ARG A 115 -4.37 -9.53 -7.18
C ARG A 115 -4.69 -8.40 -8.15
N VAL A 116 -4.40 -8.64 -9.43
CA VAL A 116 -4.57 -7.68 -10.48
C VAL A 116 -5.62 -8.25 -11.41
N ILE A 117 -6.73 -7.53 -11.51
CA ILE A 117 -7.87 -7.82 -12.37
C ILE A 117 -8.03 -6.80 -13.54
N ASP A 118 -8.40 -7.27 -14.74
CA ASP A 118 -8.70 -6.39 -15.88
C ASP A 118 -10.12 -5.93 -15.70
N GLN A 119 -10.32 -4.65 -15.40
CA GLN A 119 -11.67 -4.19 -15.05
C GLN A 119 -12.61 -4.21 -16.27
N GLY A 120 -12.08 -4.03 -17.47
CA GLY A 120 -12.87 -4.18 -18.70
C GLY A 120 -13.52 -5.54 -18.85
N THR A 121 -12.75 -6.60 -18.68
CA THR A 121 -13.22 -7.97 -18.89
C THR A 121 -13.56 -8.73 -17.62
N GLY A 122 -13.16 -8.19 -16.48
CA GLY A 122 -13.36 -8.83 -15.20
C GLY A 122 -12.49 -10.06 -14.93
N GLU A 123 -11.53 -10.35 -15.79
CA GLU A 123 -10.69 -11.49 -15.53
C GLU A 123 -9.41 -11.13 -14.68
N THR A 124 -8.99 -12.10 -13.89
CA THR A 124 -7.77 -11.99 -13.10
C THR A 124 -6.58 -12.13 -14.01
N MET A 125 -5.75 -11.09 -14.06
CA MET A 125 -4.57 -11.11 -14.88
C MET A 125 -3.43 -11.81 -14.19
N GLY A 126 -3.43 -11.80 -12.86
CA GLY A 126 -2.32 -12.37 -12.09
C GLY A 126 -2.38 -12.01 -10.61
N ASP A 127 -1.63 -12.76 -9.81
CA ASP A 127 -1.52 -12.55 -8.35
C ASP A 127 -0.04 -12.37 -8.08
N MET A 128 0.30 -11.30 -7.34
CA MET A 128 1.67 -10.93 -7.13
C MET A 128 2.06 -11.59 -5.83
N THR A 129 2.61 -12.80 -5.92
CA THR A 129 2.93 -13.63 -4.75
C THR A 129 4.39 -13.65 -4.32
N LYS A 130 5.31 -12.98 -5.02
CA LYS A 130 6.61 -12.82 -4.40
C LYS A 130 7.44 -11.66 -4.86
N HIS A 131 8.35 -11.26 -3.97
CA HIS A 131 9.11 -10.08 -4.14
C HIS A 131 9.81 -10.07 -5.48
N GLY A 132 9.72 -8.94 -6.20
CA GLY A 132 10.41 -8.73 -7.49
C GLY A 132 9.71 -9.36 -8.68
N GLN A 133 8.67 -10.14 -8.44
CA GLN A 133 7.86 -10.72 -9.50
C GLN A 133 7.21 -9.65 -10.36
N ARG A 134 7.22 -9.84 -11.68
CA ARG A 134 6.69 -8.83 -12.61
C ARG A 134 5.52 -9.34 -13.46
N LEU A 135 4.56 -8.46 -13.74
CA LEU A 135 3.36 -8.79 -14.50
C LEU A 135 3.18 -7.71 -15.54
N LEU A 136 3.09 -8.13 -16.81
CA LEU A 136 2.90 -7.21 -17.89
C LEU A 136 1.43 -6.82 -17.85
N VAL A 137 1.11 -5.54 -17.71
CA VAL A 137 -0.34 -5.16 -17.70
C VAL A 137 -0.79 -4.26 -18.87
N ALA A 138 0.13 -3.58 -19.52
CA ALA A 138 -0.15 -2.90 -20.81
C ALA A 138 1.02 -3.09 -21.77
N LYS A 139 0.74 -3.80 -22.87
CA LYS A 139 1.74 -4.04 -23.92
C LYS A 139 1.81 -2.82 -24.83
N GLY A 140 3.03 -2.35 -25.04
CA GLY A 140 3.29 -1.22 -25.93
C GLY A 140 2.99 -1.52 -27.39
N GLY A 141 2.72 -0.47 -28.13
CA GLY A 141 2.47 -0.60 -29.56
C GLY A 141 3.69 -1.14 -30.30
N TRP A 142 3.45 -1.69 -31.47
CA TRP A 142 4.52 -2.17 -32.34
C TRP A 142 4.99 -1.07 -33.31
N HIS A 143 6.28 -1.13 -33.63
CA HIS A 143 6.92 -0.20 -34.58
C HIS A 143 6.25 -0.16 -35.94
N GLY A 144 6.16 1.03 -36.49
CA GLY A 144 5.93 1.22 -37.92
C GLY A 144 7.12 0.76 -38.75
N LEU A 145 6.85 0.42 -40.00
CA LEU A 145 7.86 -0.07 -40.94
C LEU A 145 8.26 1.06 -41.89
N GLY A 146 9.57 1.22 -42.07
CA GLY A 146 10.07 2.23 -43.01
C GLY A 146 10.07 1.65 -44.41
N ASN A 147 10.28 2.50 -45.42
CA ASN A 147 10.22 2.05 -46.81
C ASN A 147 11.20 0.94 -47.15
N THR A 148 12.36 0.91 -46.52
CA THR A 148 13.31 -0.18 -46.76
C THR A 148 12.70 -1.59 -46.71
N ARG A 149 11.69 -1.79 -45.85
CA ARG A 149 10.95 -3.06 -45.75
C ARG A 149 10.03 -3.39 -46.94
N PHE A 150 9.59 -2.38 -47.67
CA PHE A 150 8.76 -2.57 -48.85
C PHE A 150 9.55 -2.87 -50.18
N LYS A 151 10.84 -3.29 -50.16
CA LYS A 151 11.73 -3.27 -51.39
C LYS A 151 11.39 -4.22 -52.62
N SER A 152 11.15 -3.62 -53.81
CA SER A 152 11.26 -4.27 -55.18
C SER A 152 11.10 -3.29 -56.37
N THR A 157 12.32 1.01 -55.53
CA THR A 157 12.17 2.31 -54.87
C THR A 157 10.75 2.59 -54.23
N PRO A 158 10.35 1.79 -53.21
CA PRO A 158 9.02 1.99 -52.55
C PRO A 158 8.88 3.31 -51.76
N ARG A 159 7.80 4.05 -52.00
CA ARG A 159 7.48 5.26 -51.23
C ARG A 159 6.48 5.00 -50.04
N GLN A 160 6.23 3.74 -49.68
CA GLN A 160 5.32 3.47 -48.53
C GLN A 160 6.05 3.27 -47.21
N LYS A 161 5.44 3.82 -46.15
CA LYS A 161 5.74 3.45 -44.75
C LYS A 161 4.45 3.18 -43.95
N THR A 162 4.59 2.45 -42.84
CA THR A 162 3.48 2.29 -41.86
C THR A 162 3.71 3.01 -40.53
N ASN A 163 2.60 3.33 -39.88
CA ASN A 163 2.58 3.94 -38.55
C ASN A 163 2.70 2.87 -37.46
N GLY A 164 3.21 3.26 -36.31
CA GLY A 164 3.25 2.37 -35.18
C GLY A 164 1.83 2.09 -34.69
N THR A 165 1.63 0.94 -34.08
CA THR A 165 0.30 0.58 -33.56
C THR A 165 0.06 1.17 -32.16
N PRO A 166 -1.22 1.25 -31.71
CA PRO A 166 -1.42 1.95 -30.44
C PRO A 166 -1.02 1.11 -29.23
N GLY A 167 -0.58 1.75 -28.15
CA GLY A 167 -0.35 1.06 -26.87
C GLY A 167 -1.63 0.59 -26.21
N ASP A 168 -1.59 -0.54 -25.51
CA ASP A 168 -2.77 -0.98 -24.71
C ASP A 168 -3.20 0.11 -23.75
N LYS A 169 -4.50 0.25 -23.59
CA LYS A 169 -5.12 1.09 -22.56
C LYS A 169 -6.03 0.17 -21.76
N ARG A 170 -5.81 0.07 -20.45
CA ARG A 170 -6.51 -0.87 -19.62
C ARG A 170 -6.77 -0.25 -18.22
N GLU A 171 -7.98 -0.43 -17.73
CA GLU A 171 -8.32 -0.16 -16.35
C GLU A 171 -8.11 -1.42 -15.53
N LEU A 172 -7.37 -1.29 -14.40
CA LEU A 172 -7.09 -2.42 -13.54
C LEU A 172 -7.74 -2.21 -12.21
N LEU A 173 -8.29 -3.28 -11.67
CA LEU A 173 -8.77 -3.38 -10.31
C LEU A 173 -7.70 -4.14 -9.52
N LEU A 174 -7.24 -3.52 -8.43
CA LEU A 174 -6.15 -4.05 -7.62
C LEU A 174 -6.78 -4.36 -6.28
N GLU A 175 -6.54 -5.57 -5.75
CA GLU A 175 -7.20 -6.06 -4.50
C GLU A 175 -6.18 -6.70 -3.58
N LEU A 176 -6.23 -6.41 -2.29
CA LEU A 176 -5.20 -6.86 -1.40
C LEU A 176 -5.83 -7.12 -0.07
N MET A 177 -5.73 -8.37 0.44
CA MET A 177 -6.25 -8.70 1.77
C MET A 177 -5.32 -8.10 2.79
N LEU A 178 -5.84 -7.33 3.72
CA LEU A 178 -5.03 -6.55 4.64
C LEU A 178 -4.89 -7.35 5.95
N LEU A 179 -3.71 -7.31 6.54
CA LEU A 179 -3.38 -7.89 7.83
C LEU A 179 -2.77 -6.75 8.68
N ALA A 180 -3.03 -6.78 9.97
CA ALA A 180 -2.53 -5.72 10.85
C ALA A 180 -1.01 -5.67 10.92
N ASP A 181 -0.48 -4.48 10.69
CA ASP A 181 0.92 -4.14 11.05
C ASP A 181 1.07 -3.66 12.48
N VAL A 182 0.06 -2.96 13.00
CA VAL A 182 0.11 -2.28 14.29
C VAL A 182 -1.23 -2.60 14.99
N GLY A 183 -1.18 -3.02 16.26
CA GLY A 183 -2.36 -3.32 17.04
C GLY A 183 -2.59 -2.35 18.17
N MET A 184 -3.83 -1.86 18.32
CA MET A 184 -4.20 -1.10 19.51
C MET A 184 -4.75 -2.00 20.56
N LEU A 185 -4.32 -1.74 21.78
CA LEU A 185 -4.77 -2.34 23.01
C LEU A 185 -5.30 -1.27 23.91
N GLY A 186 -6.14 -1.68 24.82
CA GLY A 186 -6.61 -0.76 25.84
C GLY A 186 -8.04 -1.06 26.24
N MET A 187 -8.40 -0.51 27.38
CA MET A 187 -9.74 -0.57 27.94
C MET A 187 -10.77 0.08 27.04
N PRO A 188 -12.04 -0.36 27.20
CA PRO A 188 -13.13 0.41 26.60
C PRO A 188 -13.03 1.90 26.98
N ASN A 189 -13.28 2.78 26.01
N ASN A 189 -13.28 2.79 26.02
CA ASN A 189 -13.26 4.25 26.21
CA ASN A 189 -13.27 4.25 26.23
C ASN A 189 -11.88 4.90 26.40
C ASN A 189 -11.88 4.91 26.37
N ALA A 190 -10.80 4.15 26.17
CA ALA A 190 -9.44 4.72 26.10
C ALA A 190 -9.20 5.73 24.95
N GLY A 191 -9.94 5.57 23.85
CA GLY A 191 -9.82 6.38 22.62
C GLY A 191 -9.28 5.63 21.39
N LYS A 192 -9.45 4.32 21.35
CA LYS A 192 -8.92 3.46 20.28
C LYS A 192 -9.56 3.72 18.94
N SER A 193 -10.89 3.79 18.86
CA SER A 193 -11.50 4.04 17.57
C SER A 193 -11.31 5.50 17.19
N THR A 194 -11.24 6.42 18.17
CA THR A 194 -10.92 7.84 17.89
C THR A 194 -9.51 7.93 17.26
N PHE A 195 -8.58 7.26 17.89
CA PHE A 195 -7.23 7.24 17.33
C PHE A 195 -7.19 6.73 15.90
N ILE A 196 -7.73 5.54 15.72
CA ILE A 196 -7.79 4.88 14.37
C ILE A 196 -8.40 5.75 13.31
N ARG A 197 -9.56 6.36 13.60
CA ARG A 197 -10.17 7.23 12.63
C ARG A 197 -9.35 8.48 12.38
N ALA A 198 -8.66 8.98 13.39
CA ALA A 198 -7.85 10.19 13.21
C ALA A 198 -6.63 9.92 12.34
N VAL A 199 -6.06 8.73 12.42
CA VAL A 199 -4.84 8.47 11.62
C VAL A 199 -5.12 7.84 10.24
N SER A 200 -6.36 7.41 10.00
CA SER A 200 -6.68 6.66 8.79
C SER A 200 -6.85 7.53 7.57
N ALA A 201 -6.13 7.19 6.51
CA ALA A 201 -6.39 7.78 5.19
C ALA A 201 -7.58 7.07 4.53
N ALA A 202 -7.89 5.84 4.92
CA ALA A 202 -9.02 5.11 4.38
C ALA A 202 -9.40 3.94 5.29
N LYS A 203 -10.65 3.51 5.15
CA LYS A 203 -11.18 2.37 5.87
C LYS A 203 -11.30 1.24 4.85
N PRO A 204 -10.68 0.10 5.09
CA PRO A 204 -10.85 -0.92 4.09
C PRO A 204 -12.28 -1.47 4.08
N LYS A 205 -12.65 -2.04 2.96
CA LYS A 205 -13.94 -2.72 2.76
C LYS A 205 -13.88 -4.07 3.50
N VAL A 206 -14.99 -4.47 4.09
CA VAL A 206 -15.10 -5.79 4.77
C VAL A 206 -15.73 -6.74 3.81
N ALA A 207 -15.23 -7.96 3.69
CA ALA A 207 -15.80 -9.00 2.77
C ALA A 207 -16.09 -10.26 3.58
N ASP A 208 -17.03 -11.06 3.10
CA ASP A 208 -17.43 -12.38 3.70
C ASP A 208 -17.92 -12.30 5.10
N TYR A 209 -18.74 -11.30 5.38
CA TYR A 209 -19.23 -11.09 6.71
C TYR A 209 -20.73 -10.87 6.53
N PRO A 210 -21.56 -11.66 7.22
CA PRO A 210 -22.99 -11.62 6.91
C PRO A 210 -23.58 -10.26 7.22
N PHE A 211 -23.17 -9.69 8.35
CA PHE A 211 -23.65 -8.38 8.79
C PHE A 211 -22.97 -7.27 8.03
N THR A 212 -23.41 -6.05 8.28
CA THR A 212 -22.76 -4.86 7.73
C THR A 212 -22.45 -3.85 8.81
N THR A 213 -22.99 -4.11 10.00
CA THR A 213 -22.75 -3.27 11.16
C THR A 213 -21.80 -3.95 12.12
N LEU A 214 -21.29 -3.15 13.06
CA LEU A 214 -20.49 -3.64 14.13
C LEU A 214 -19.33 -4.47 13.56
N VAL A 215 -18.50 -3.78 12.78
CA VAL A 215 -17.24 -4.32 12.25
C VAL A 215 -16.09 -3.85 13.15
N PRO A 216 -15.11 -4.73 13.44
CA PRO A 216 -13.92 -4.22 14.16
C PRO A 216 -13.16 -3.13 13.38
N SER A 217 -12.54 -2.20 14.08
CA SER A 217 -11.93 -1.03 13.44
C SER A 217 -10.56 -1.35 12.86
N LEU A 218 -10.43 -1.25 11.54
CA LEU A 218 -9.10 -1.23 10.88
C LEU A 218 -8.97 0.06 10.06
N GLY A 219 -7.75 0.54 9.91
CA GLY A 219 -7.50 1.72 9.11
C GLY A 219 -6.20 1.59 8.36
N VAL A 220 -6.08 2.28 7.25
CA VAL A 220 -4.82 2.33 6.55
C VAL A 220 -4.28 3.73 6.82
N VAL A 221 -3.06 3.78 7.31
CA VAL A 221 -2.38 5.05 7.61
C VAL A 221 -1.43 5.36 6.47
N ARG A 222 -1.53 6.57 5.89
CA ARG A 222 -0.59 6.97 4.89
C ARG A 222 0.30 8.04 5.44
N MET A 223 1.60 7.77 5.56
CA MET A 223 2.51 8.80 6.09
C MET A 223 3.05 9.68 4.97
N ASP A 224 3.46 9.04 3.88
CA ASP A 224 3.88 9.73 2.66
C ASP A 224 4.02 8.61 1.59
N ASN A 225 4.52 8.96 0.41
CA ASN A 225 4.71 7.99 -0.70
C ASN A 225 5.45 6.76 -0.23
N GLU A 226 4.87 5.57 -0.47
CA GLU A 226 5.48 4.28 -0.21
C GLU A 226 5.68 4.03 1.29
N LYS A 227 5.00 4.81 2.10
CA LYS A 227 5.22 4.77 3.57
C LYS A 227 3.82 4.73 4.22
N SER A 228 3.33 3.52 4.42
CA SER A 228 1.95 3.30 4.95
C SER A 228 1.97 2.03 5.85
N PHE A 229 0.90 1.86 6.61
CA PHE A 229 0.72 0.70 7.47
C PHE A 229 -0.75 0.53 7.85
N VAL A 230 -1.08 -0.69 8.20
CA VAL A 230 -2.42 -1.05 8.71
C VAL A 230 -2.45 -1.09 10.22
N VAL A 231 -3.45 -0.42 10.78
CA VAL A 231 -3.68 -0.41 12.21
C VAL A 231 -5.08 -1.07 12.49
N ALA A 232 -5.15 -1.86 13.55
CA ALA A 232 -6.34 -2.67 13.90
C ALA A 232 -6.57 -2.52 15.39
N ASP A 233 -7.83 -2.58 15.80
CA ASP A 233 -8.17 -2.66 17.18
C ASP A 233 -8.19 -4.10 17.60
N ILE A 234 -7.23 -4.51 18.43
CA ILE A 234 -7.09 -5.92 18.76
C ILE A 234 -8.30 -6.48 19.54
N PRO A 235 -8.80 -5.76 20.56
CA PRO A 235 -9.95 -6.29 21.30
C PRO A 235 -11.18 -6.55 20.44
N GLY A 236 -11.45 -5.71 19.45
CA GLY A 236 -12.52 -6.00 18.44
C GLY A 236 -12.37 -7.33 17.75
N LEU A 237 -11.14 -7.64 17.37
CA LEU A 237 -10.82 -8.94 16.76
C LEU A 237 -10.84 -10.13 17.67
N ILE A 238 -10.33 -10.01 18.87
CA ILE A 238 -10.27 -11.14 19.74
C ILE A 238 -11.61 -11.40 20.41
N GLU A 239 -12.31 -10.35 20.78
CA GLU A 239 -13.65 -10.56 21.27
C GLU A 239 -14.43 -11.09 20.07
N GLY A 240 -15.07 -12.22 20.30
CA GLY A 240 -15.78 -12.89 19.24
C GLY A 240 -17.15 -12.26 19.20
N ALA A 241 -17.20 -10.97 18.85
CA ALA A 241 -18.39 -10.16 19.12
C ALA A 241 -19.51 -10.60 18.21
N ALA A 242 -19.25 -10.68 16.90
CA ALA A 242 -20.25 -11.19 15.90
C ALA A 242 -19.84 -12.45 15.16
N GLU A 243 -18.56 -12.71 15.18
CA GLU A 243 -18.00 -13.74 14.38
C GLU A 243 -17.57 -14.93 15.27
N GLY A 244 -17.61 -14.78 16.58
CA GLY A 244 -17.24 -15.85 17.51
C GLY A 244 -15.75 -15.94 17.69
N ALA A 245 -15.34 -17.03 18.34
CA ALA A 245 -13.97 -17.16 18.80
C ALA A 245 -12.97 -17.48 17.68
N GLY A 246 -13.48 -17.90 16.52
CA GLY A 246 -12.64 -18.14 15.33
C GLY A 246 -11.89 -16.90 14.82
N LEU A 247 -12.47 -15.71 14.97
CA LEU A 247 -11.81 -14.51 14.49
C LEU A 247 -10.45 -14.21 15.10
N GLY A 248 -10.34 -14.29 16.43
CA GLY A 248 -9.04 -14.06 17.06
C GLY A 248 -8.00 -15.10 16.70
N ILE A 249 -8.42 -16.33 16.45
CA ILE A 249 -7.50 -17.36 15.96
C ILE A 249 -6.94 -17.04 14.57
N ARG A 250 -7.82 -16.54 13.71
CA ARG A 250 -7.40 -16.10 12.38
C ARG A 250 -6.51 -14.86 12.43
N PHE A 251 -6.75 -13.98 13.42
CA PHE A 251 -5.81 -12.87 13.70
C PHE A 251 -4.43 -13.42 14.09
N LEU A 252 -4.41 -14.42 15.00
CA LEU A 252 -3.12 -15.02 15.43
C LEU A 252 -2.42 -15.70 14.37
N LYS A 253 -3.17 -16.23 13.38
CA LYS A 253 -2.53 -16.90 12.23
C LYS A 253 -1.47 -16.01 11.46
N HIS A 254 -1.73 -14.70 11.37
CA HIS A 254 -0.85 -13.78 10.64
C HIS A 254 -0.16 -12.80 11.56
N LEU A 255 -0.01 -13.18 12.82
CA LEU A 255 0.68 -12.35 13.81
C LEU A 255 2.06 -11.86 13.38
N GLU A 256 2.79 -12.66 12.59
CA GLU A 256 4.12 -12.21 12.14
C GLU A 256 4.11 -10.83 11.36
N ARG A 257 2.99 -10.48 10.73
CA ARG A 257 2.84 -9.16 10.09
C ARG A 257 2.73 -8.01 11.11
N CYS A 258 2.29 -8.32 12.33
CA CYS A 258 2.12 -7.34 13.39
C CYS A 258 3.46 -7.03 14.02
N ARG A 259 3.98 -5.81 13.81
CA ARG A 259 5.33 -5.37 14.25
C ARG A 259 5.28 -4.78 15.64
N VAL A 260 4.17 -4.12 16.03
CA VAL A 260 4.18 -3.40 17.27
C VAL A 260 2.76 -3.19 17.77
N LEU A 261 2.62 -3.14 19.09
CA LEU A 261 1.35 -2.86 19.75
C LEU A 261 1.41 -1.54 20.48
N LEU A 262 0.28 -0.80 20.46
CA LEU A 262 0.18 0.47 21.13
C LEU A 262 -0.85 0.33 22.24
N HIS A 263 -0.40 0.46 23.50
CA HIS A 263 -1.26 0.25 24.63
C HIS A 263 -1.76 1.66 24.99
N LEU A 264 -2.98 1.89 24.62
CA LEU A 264 -3.59 3.18 24.78
C LEU A 264 -4.21 3.22 26.16
N ILE A 265 -3.90 4.29 26.91
CA ILE A 265 -4.39 4.50 28.29
C ILE A 265 -4.99 5.91 28.48
N ASP A 266 -6.26 5.97 28.87
CA ASP A 266 -6.89 7.24 29.27
C ASP A 266 -6.11 7.69 30.55
N ILE A 267 -5.42 8.81 30.43
CA ILE A 267 -4.54 9.32 31.50
C ILE A 267 -5.30 9.75 32.75
N ASP A 268 -6.55 10.22 32.61
CA ASP A 268 -7.39 10.58 33.76
C ASP A 268 -8.85 10.09 33.66
N PRO A 269 -9.11 8.82 34.00
CA PRO A 269 -10.45 8.28 33.78
C PRO A 269 -11.48 8.87 34.74
N ILE A 270 -12.45 9.60 34.20
CA ILE A 270 -13.56 10.07 35.03
C ILE A 270 -14.40 8.87 35.56
N ASP A 271 -14.51 7.80 34.77
CA ASP A 271 -15.24 6.62 35.17
C ASP A 271 -14.34 6.42 37.26
N GLY A 272 -13.12 7.44 37.86
CA GLY A 272 -12.69 6.96 39.17
C GLY A 272 -11.68 5.84 39.08
N THR A 273 -11.79 4.98 38.07
CA THR A 273 -10.78 3.95 37.79
C THR A 273 -9.34 4.49 37.84
N ASP A 274 -8.43 3.64 38.26
CA ASP A 274 -7.02 3.99 38.40
C ASP A 274 -6.19 3.45 37.21
N PRO A 275 -5.48 4.33 36.48
CA PRO A 275 -4.77 3.89 35.27
C PRO A 275 -3.77 2.75 35.45
N VAL A 276 -3.20 2.58 36.64
CA VAL A 276 -2.14 1.61 36.83
C VAL A 276 -2.74 0.21 36.86
N GLU A 277 -3.86 0.09 37.56
CA GLU A 277 -4.51 -1.19 37.70
C GLU A 277 -5.16 -1.60 36.37
N ASN A 278 -5.76 -0.64 35.67
CA ASN A 278 -6.32 -0.86 34.31
C ASN A 278 -5.29 -1.39 33.34
N ALA A 279 -4.14 -0.73 33.35
CA ALA A 279 -2.99 -1.17 32.57
C ALA A 279 -2.61 -2.60 32.89
N ARG A 280 -2.57 -2.94 34.17
CA ARG A 280 -2.33 -4.32 34.59
C ARG A 280 -3.33 -5.38 34.16
N ILE A 281 -4.60 -5.04 34.15
CA ILE A 281 -5.62 -5.95 33.66
C ILE A 281 -5.42 -6.21 32.16
N ILE A 282 -5.21 -5.14 31.39
CA ILE A 282 -5.01 -5.28 29.95
C ILE A 282 -3.81 -6.20 29.65
N ILE A 283 -2.71 -6.02 30.36
CA ILE A 283 -1.49 -6.80 30.15
C ILE A 283 -1.78 -8.26 30.48
N SER A 284 -2.38 -8.46 31.61
CA SER A 284 -2.72 -9.79 32.06
C SER A 284 -3.68 -10.53 31.05
N GLU A 285 -4.74 -9.87 30.61
CA GLU A 285 -5.60 -10.47 29.56
C GLU A 285 -4.82 -10.82 28.28
N LEU A 286 -3.90 -9.93 27.87
CA LEU A 286 -3.07 -10.16 26.70
C LEU A 286 -2.22 -11.40 26.85
N GLU A 287 -1.53 -11.50 27.96
CA GLU A 287 -0.63 -12.65 28.22
C GLU A 287 -1.37 -14.00 28.28
N LYS A 288 -2.59 -13.96 28.78
CA LYS A 288 -3.40 -15.17 28.84
C LYS A 288 -3.78 -15.66 27.44
N TYR A 289 -4.15 -14.72 26.59
CA TYR A 289 -4.64 -15.07 25.23
C TYR A 289 -3.55 -15.67 24.33
N SER A 290 -2.40 -15.04 24.37
CA SER A 290 -1.31 -15.44 23.52
C SER A 290 0.04 -14.95 23.98
N GLN A 291 0.99 -15.87 23.99
CA GLN A 291 2.31 -15.58 24.45
C GLN A 291 3.13 -14.90 23.36
N ASP A 292 2.86 -15.23 22.10
CA ASP A 292 3.49 -14.52 21.00
C ASP A 292 3.00 -13.09 20.98
N LEU A 293 1.70 -12.89 21.22
CA LEU A 293 1.12 -11.56 21.18
C LEU A 293 1.71 -10.72 22.33
N ALA A 294 1.82 -11.34 23.49
CA ALA A 294 2.43 -10.69 24.64
C ALA A 294 3.91 -10.41 24.55
N THR A 295 4.67 -11.05 23.64
CA THR A 295 6.08 -10.74 23.51
C THR A 295 6.33 -9.73 22.38
N LYS A 296 5.29 -9.21 21.72
CA LYS A 296 5.50 -8.24 20.67
C LYS A 296 5.98 -6.92 21.29
N PRO A 297 6.81 -6.17 20.57
CA PRO A 297 7.14 -4.82 21.04
C PRO A 297 5.85 -4.07 21.37
N ARG A 298 5.78 -3.45 22.50
CA ARG A 298 4.59 -2.81 22.98
C ARG A 298 4.91 -1.43 23.55
N TRP A 299 4.24 -0.34 23.10
CA TRP A 299 4.56 1.00 23.58
C TRP A 299 3.38 1.56 24.33
N LEU A 300 3.64 2.24 25.45
CA LEU A 300 2.59 2.93 26.20
C LEU A 300 2.29 4.23 25.54
N VAL A 301 1.00 4.49 25.36
CA VAL A 301 0.58 5.73 24.82
C VAL A 301 -0.57 6.31 25.69
N PHE A 302 -0.29 7.44 26.35
CA PHE A 302 -1.29 8.09 27.22
C PHE A 302 -2.07 9.06 26.41
N ASN A 303 -3.39 8.96 26.52
CA ASN A 303 -4.31 9.73 25.71
C ASN A 303 -5.18 10.69 26.56
N LYS A 304 -5.81 11.64 25.89
CA LYS A 304 -6.70 12.68 26.51
C LYS A 304 -5.92 13.69 27.36
N ILE A 305 -4.69 14.01 26.94
CA ILE A 305 -3.85 15.02 27.60
C ILE A 305 -4.37 16.44 27.40
N ASP A 306 -5.20 16.65 26.39
CA ASP A 306 -5.87 17.94 26.18
C ASP A 306 -6.73 18.40 27.38
N LEU A 307 -7.30 17.45 28.13
CA LEU A 307 -8.14 17.76 29.30
C LEU A 307 -7.34 18.34 30.45
N LEU A 308 -6.05 17.98 30.53
CA LEU A 308 -5.17 18.42 31.61
C LEU A 308 -4.22 19.50 31.13
N ASP A 309 -3.55 20.14 32.10
CA ASP A 309 -2.47 21.09 31.81
C ASP A 309 -1.23 20.25 31.49
N LYS A 310 -0.37 20.82 30.65
CA LYS A 310 0.79 20.14 30.04
C LYS A 310 1.69 19.46 31.04
N VAL A 311 2.12 20.19 32.07
CA VAL A 311 3.11 19.68 33.02
C VAL A 311 2.48 18.59 33.91
N GLU A 312 1.25 18.84 34.36
CA GLU A 312 0.41 17.90 35.10
C GLU A 312 0.24 16.57 34.36
N ALA A 313 -0.10 16.65 33.07
CA ALA A 313 -0.15 15.41 32.25
C ALA A 313 1.16 14.61 32.34
N GLU A 314 2.29 15.32 32.20
CA GLU A 314 3.61 14.69 32.26
C GLU A 314 3.93 14.03 33.60
N GLU A 315 3.45 14.64 34.68
CA GLU A 315 3.62 14.09 36.04
C GLU A 315 2.86 12.79 36.15
N LYS A 316 1.58 12.91 35.82
CA LYS A 316 0.62 11.82 35.92
C LYS A 316 1.14 10.61 35.15
N ALA A 317 1.67 10.88 33.95
CA ALA A 317 2.23 9.88 33.06
C ALA A 317 3.50 9.27 33.60
N LYS A 318 4.43 10.12 34.04
CA LYS A 318 5.64 9.58 34.66
C LYS A 318 5.31 8.68 35.87
N ALA A 319 4.35 9.10 36.67
CA ALA A 319 3.96 8.35 37.86
C ALA A 319 3.36 6.99 37.49
N ILE A 320 2.48 6.95 36.48
CA ILE A 320 1.89 5.67 36.01
C ILE A 320 2.98 4.74 35.49
N ALA A 321 3.90 5.27 34.70
CA ALA A 321 5.03 4.51 34.18
C ALA A 321 5.91 3.95 35.30
N GLU A 322 6.21 4.82 36.27
CA GLU A 322 7.01 4.43 37.43
C GLU A 322 6.34 3.21 38.12
N ALA A 323 5.06 3.39 38.49
CA ALA A 323 4.26 2.36 39.19
C ALA A 323 4.12 1.02 38.46
N LEU A 324 4.21 1.01 37.12
CA LEU A 324 4.22 -0.25 36.32
C LEU A 324 5.61 -0.82 36.16
N GLY A 325 6.64 -0.11 36.60
CA GLY A 325 8.02 -0.53 36.37
C GLY A 325 8.38 -0.42 34.91
N TRP A 326 7.72 0.50 34.21
CA TRP A 326 7.92 0.67 32.79
C TRP A 326 9.11 1.59 32.56
N GLU A 327 10.16 1.04 31.95
CA GLU A 327 11.44 1.72 31.76
C GLU A 327 11.58 2.43 30.39
N ASP A 328 10.90 1.92 29.36
CA ASP A 328 10.95 2.50 28.00
C ASP A 328 10.34 3.90 27.88
N LYS A 329 10.65 4.54 26.75
CA LYS A 329 9.93 5.71 26.28
C LYS A 329 8.44 5.40 26.06
N TYR A 330 7.60 6.37 26.43
CA TYR A 330 6.14 6.32 26.21
C TYR A 330 5.76 7.63 25.57
N TYR A 331 4.49 7.73 25.15
CA TYR A 331 4.02 8.85 24.39
C TYR A 331 2.84 9.46 25.11
N LEU A 332 2.68 10.77 24.92
CA LEU A 332 1.50 11.54 25.35
C LEU A 332 0.81 12.11 24.13
N ILE A 333 -0.49 11.91 24.01
CA ILE A 333 -1.18 12.39 22.83
C ILE A 333 -2.60 12.84 23.20
N SER A 334 -3.21 13.62 22.33
CA SER A 334 -4.68 13.76 22.32
C SER A 334 -5.17 13.26 21.01
N ALA A 335 -5.86 12.14 21.03
CA ALA A 335 -6.46 11.63 19.81
C ALA A 335 -7.56 12.55 19.26
N ALA A 336 -8.24 13.27 20.16
CA ALA A 336 -9.24 14.33 19.79
C ALA A 336 -8.64 15.52 19.05
N SER A 337 -7.61 16.15 19.63
CA SER A 337 -7.02 17.36 19.06
C SER A 337 -5.88 17.15 18.07
N GLY A 338 -5.27 15.97 18.07
CA GLY A 338 -4.13 15.73 17.19
C GLY A 338 -2.80 15.93 17.87
N LEU A 339 -2.77 16.48 19.09
CA LEU A 339 -1.50 16.74 19.75
C LEU A 339 -0.65 15.45 19.93
N GLY A 340 0.57 15.46 19.42
CA GLY A 340 1.51 14.31 19.50
C GLY A 340 1.23 13.12 18.56
N VAL A 341 0.14 13.17 17.79
CA VAL A 341 -0.28 11.99 17.03
C VAL A 341 0.63 11.75 15.84
N LYS A 342 0.92 12.81 15.09
CA LYS A 342 1.78 12.68 13.93
C LYS A 342 3.18 12.22 14.33
N ASP A 343 3.75 12.76 15.41
CA ASP A 343 5.03 12.26 15.89
C ASP A 343 5.03 10.75 16.26
N LEU A 344 3.97 10.32 16.93
CA LEU A 344 3.78 8.89 17.22
C LEU A 344 3.70 8.03 15.93
N CYS A 345 2.91 8.47 14.97
CA CYS A 345 2.76 7.71 13.72
C CYS A 345 4.07 7.64 12.95
N TRP A 346 4.84 8.74 12.93
CA TRP A 346 6.17 8.66 12.28
C TRP A 346 7.10 7.74 13.00
N ASP A 347 7.01 7.65 14.33
CA ASP A 347 7.87 6.69 15.07
C ASP A 347 7.48 5.22 14.75
N VAL A 348 6.17 4.99 14.59
CA VAL A 348 5.63 3.66 14.17
C VAL A 348 6.09 3.35 12.76
N MET A 349 6.05 4.34 11.88
CA MET A 349 6.50 4.12 10.51
C MET A 349 7.97 3.80 10.48
N THR A 350 8.75 4.52 11.29
CA THR A 350 10.17 4.25 11.40
C THR A 350 10.45 2.80 11.86
N PHE A 351 9.84 2.41 12.95
CA PHE A 351 9.92 1.06 13.44
C PHE A 351 9.55 0.03 12.35
N ILE A 352 8.44 0.24 11.68
CA ILE A 352 8.05 -0.62 10.56
C ILE A 352 9.10 -0.73 9.48
N ILE A 353 9.69 0.39 9.05
CA ILE A 353 10.68 0.41 7.97
C ILE A 353 11.92 -0.30 8.45
N GLU A 354 12.22 -0.17 9.73
CA GLU A 354 13.38 -0.78 10.32
C GLU A 354 13.24 -2.27 10.67
N ASN A 355 12.04 -2.79 10.69
CA ASN A 355 11.78 -4.21 11.07
C ASN A 355 10.94 -4.91 10.05
N PRO A 356 11.48 -5.16 8.87
CA PRO A 356 10.64 -5.82 7.87
C PRO A 356 10.33 -7.26 8.32
N VAL A 357 9.28 -7.88 7.78
CA VAL A 357 8.86 -9.21 8.28
C VAL A 357 9.90 -10.24 7.75
N VAL A 358 10.46 -11.04 8.65
CA VAL A 358 11.38 -12.13 8.23
C VAL A 358 11.46 -13.21 9.31
PB GDP B . -12.57 3.14 22.52
O1B GDP B . -12.75 2.93 21.05
O2B GDP B . -11.18 2.84 23.04
O3B GDP B . -13.68 2.50 23.27
O3A GDP B . -12.84 4.71 22.82
PA GDP B . -13.38 5.88 21.81
O1A GDP B . -12.51 6.23 20.60
O2A GDP B . -14.82 5.60 21.60
O5' GDP B . -13.25 7.14 22.72
C5' GDP B . -14.03 7.18 23.91
C4' GDP B . -14.57 8.55 24.18
O4' GDP B . -13.47 9.36 24.61
C3' GDP B . -15.19 9.23 22.99
O3' GDP B . -16.27 10.07 23.41
C2' GDP B . -14.10 10.17 22.51
O2' GDP B . -14.60 11.32 21.79
C1' GDP B . -13.33 10.49 23.79
N9 GDP B . -11.87 10.73 23.46
C8 GDP B . -11.03 9.91 22.78
N7 GDP B . -9.80 10.44 22.64
C5 GDP B . -9.85 11.64 23.26
C6 GDP B . -8.94 12.73 23.54
O6 GDP B . -7.73 12.76 23.14
N1 GDP B . -9.46 13.78 24.24
C2 GDP B . -10.73 13.87 24.68
N2 GDP B . -11.14 14.96 25.39
N3 GDP B . -11.61 12.89 24.50
C4 GDP B . -11.23 11.80 23.82
MG MG C . -15.46 2.50 20.45
#